data_7GT5
#
_entry.id   7GT5
#
_cell.length_a   89.945
_cell.length_b   89.945
_cell.length_c   106.709
_cell.angle_alpha   90.000
_cell.angle_beta   90.000
_cell.angle_gamma   120.000
#
_symmetry.space_group_name_H-M   'P 31 2 1'
#
loop_
_entity.id
_entity.type
_entity.pdbx_description
1 polymer 'Tyrosine-protein phosphatase non-receptor type 1'
2 non-polymer 2-AMINO-2-HYDROXYMETHYL-PROPANE-1,3-DIOL
3 non-polymer 'methyl [(3R,4S)-3-ethyl-4-hydroxy-1,1-dioxo-3,4-dihydro-1lambda~6~,2-benzothiazin-2(1H)-yl]acetate'
4 water water
#
_entity_poly.entity_id   1
_entity_poly.type   'polypeptide(L)'
_entity_poly.pdbx_seq_one_letter_code
;MEMEKEFEQIDKSGSWAAIYQDIRHEASDFPSRVAKLPKNKNRNRYRDVSPFDHSRIKLHQEDNDYINASLIKMEEAQRS
YILTQGPLPNTVGHFWEMVWEQKSRGVVMLNRVMEKGSLKCAQYWPQKEEKEMIFEDTNLKLTLISEDIKSYYTVRQLEL
ENLTTQETREILHFHYTTWPDFGVPESPASFLNFLFKVRESGSLSPEHGPVVVHCSAGIGRSGTFCLADTCLLLMDKRKD
PSSVDIKKVLLEMRKFRMGLIQTADQLRFSYLAVIEGAKFIMGDSSVQDQWKELSHEDLEPPPEHIPPPPRPPKRILEPH
N
;
_entity_poly.pdbx_strand_id   A
#
loop_
_chem_comp.id
_chem_comp.type
_chem_comp.name
_chem_comp.formula
A1ABK non-polymer 'methyl [(3R,4S)-3-ethyl-4-hydroxy-1,1-dioxo-3,4-dihydro-1lambda~6~,2-benzothiazin-2(1H)-yl]acetate' 'C13 H17 N O5 S'
TRS non-polymer 2-AMINO-2-HYDROXYMETHYL-PROPANE-1,3-DIOL 'C4 H12 N O3 1'
#
# COMPACT_ATOMS: atom_id res chain seq x y z
N MET A 1 -6.60 20.32 17.22
CA MET A 1 -8.10 20.25 17.28
C MET A 1 -8.54 18.78 17.09
N GLU A 2 -9.20 18.20 18.09
CA GLU A 2 -9.82 16.85 18.01
C GLU A 2 -10.39 16.67 16.59
N MET A 3 -9.97 15.61 15.90
CA MET A 3 -10.26 15.42 14.46
C MET A 3 -11.75 15.14 14.24
N GLU A 4 -12.43 14.50 15.21
CA GLU A 4 -13.88 14.18 15.18
C GLU A 4 -14.74 15.44 15.13
N LYS A 5 -14.24 16.55 15.69
CA LYS A 5 -14.93 17.87 15.68
C LYS A 5 -14.59 18.57 14.37
N GLU A 6 -13.31 18.54 13.99
CA GLU A 6 -12.83 19.00 12.66
C GLU A 6 -13.68 18.29 11.60
N PHE A 7 -14.03 17.01 11.82
CA PHE A 7 -14.76 16.15 10.85
C PHE A 7 -16.19 16.70 10.63
N GLU A 8 -16.93 16.86 11.72
CA GLU A 8 -18.34 17.36 11.70
C GLU A 8 -18.34 18.80 11.14
N GLN A 9 -17.37 19.63 11.53
CA GLN A 9 -17.17 21.02 11.01
C GLN A 9 -17.02 21.01 9.47
N ILE A 10 -16.22 20.09 8.91
CA ILE A 10 -16.02 20.02 7.43
C ILE A 10 -17.28 19.45 6.78
N ASP A 11 -17.92 18.44 7.40
CA ASP A 11 -19.13 17.77 6.85
C ASP A 11 -20.27 18.79 6.80
N LYS A 12 -20.55 19.41 7.94
CA LYS A 12 -21.69 20.36 8.11
C LYS A 12 -21.54 21.47 7.06
N SER A 13 -20.31 21.74 6.61
CA SER A 13 -19.98 22.85 5.68
C SER A 13 -19.74 22.34 4.26
N GLY A 14 -19.55 21.02 4.10
CA GLY A 14 -19.15 20.40 2.82
C GLY A 14 -17.87 21.01 2.28
N SER A 15 -16.80 21.00 3.07
CA SER A 15 -15.48 21.59 2.75
C SER A 15 -14.42 20.50 2.52
N TRP A 16 -14.82 19.28 2.15
CA TRP A 16 -13.86 18.18 1.90
C TRP A 16 -13.01 18.51 0.66
N ALA A 17 -13.64 19.04 -0.39
CA ALA A 17 -12.98 19.43 -1.66
C ALA A 17 -12.00 20.58 -1.40
N ALA A 18 -12.43 21.58 -0.63
CA ALA A 18 -11.59 22.73 -0.22
C ALA A 18 -10.30 22.21 0.44
N ILE A 19 -10.45 21.39 1.49
CA ILE A 19 -9.30 20.82 2.26
C ILE A 19 -8.43 19.99 1.30
N TYR A 20 -9.05 19.19 0.43
CA TYR A 20 -8.28 18.26 -0.45
C TYR A 20 -7.39 19.06 -1.37
N GLN A 21 -7.93 20.13 -1.99
CA GLN A 21 -7.13 20.93 -2.94
C GLN A 21 -6.00 21.64 -2.20
N ASP A 22 -6.18 22.07 -0.94
CA ASP A 22 -5.09 22.70 -0.12
C ASP A 22 -3.92 21.70 0.07
N ILE A 23 -4.23 20.43 0.34
CA ILE A 23 -3.19 19.35 0.40
C ILE A 23 -2.47 19.24 -0.95
N ARG A 24 -3.21 19.19 -2.06
CA ARG A 24 -2.61 19.05 -3.40
C ARG A 24 -1.63 20.20 -3.65
N HIS A 25 -1.98 21.41 -3.20
CA HIS A 25 -1.18 22.65 -3.46
C HIS A 25 0.10 22.67 -2.62
N GLU A 26 0.04 22.18 -1.38
CA GLU A 26 1.19 22.18 -0.42
C GLU A 26 2.09 20.94 -0.59
N ALA A 27 1.67 19.91 -1.35
CA ALA A 27 2.42 18.64 -1.47
C ALA A 27 3.80 18.90 -2.09
N SER A 28 4.79 18.12 -1.69
CA SER A 28 6.17 18.10 -2.21
C SER A 28 6.21 17.82 -3.72
N ASP A 29 7.19 18.40 -4.42
CA ASP A 29 7.53 18.12 -5.83
C ASP A 29 9.03 17.85 -5.86
N PHE A 30 9.41 16.61 -6.12
CA PHE A 30 10.78 16.12 -6.23
C PHE A 30 10.95 15.54 -7.62
N PRO A 31 12.18 15.46 -8.17
CA PRO A 31 12.41 14.84 -9.46
C PRO A 31 12.08 13.32 -9.46
N SER A 32 11.55 12.86 -10.60
CA SER A 32 11.39 11.42 -10.97
C SER A 32 12.06 11.14 -12.33
N ARG A 33 13.34 11.45 -12.48
CA ARG A 33 14.05 11.36 -13.79
C ARG A 33 14.24 9.90 -14.21
N VAL A 34 14.52 8.98 -13.28
CA VAL A 34 14.73 7.56 -13.68
C VAL A 34 13.40 7.01 -14.26
N ALA A 35 12.24 7.29 -13.65
CA ALA A 35 10.90 6.79 -14.08
C ALA A 35 10.64 7.19 -15.53
N LYS A 36 11.13 8.38 -15.94
CA LYS A 36 10.80 8.98 -17.27
C LYS A 36 11.80 8.56 -18.36
N LEU A 37 12.87 7.83 -18.08
CA LEU A 37 13.84 7.36 -19.12
C LEU A 37 13.07 6.49 -20.14
N PRO A 38 13.33 6.66 -21.46
CA PRO A 38 12.61 5.86 -22.46
C PRO A 38 12.69 4.35 -22.25
N LYS A 39 13.80 3.82 -21.77
CA LYS A 39 13.97 2.37 -21.52
C LYS A 39 12.93 1.90 -20.46
N ASN A 40 12.22 2.78 -19.75
CA ASN A 40 11.35 2.34 -18.62
C ASN A 40 9.88 2.53 -18.97
N LYS A 41 9.54 2.91 -20.21
CA LYS A 41 8.14 3.23 -20.53
C LYS A 41 7.23 2.01 -20.23
N ASN A 42 7.63 0.79 -20.57
CA ASN A 42 6.75 -0.38 -20.37
C ASN A 42 6.87 -0.91 -18.93
N ARG A 43 7.51 -0.17 -18.02
CA ARG A 43 7.58 -0.52 -16.57
C ARG A 43 6.64 0.36 -15.75
N ASN A 44 5.92 1.28 -16.37
CA ASN A 44 4.96 2.18 -15.72
C ASN A 44 3.54 1.96 -16.23
N ARG A 45 2.60 1.76 -15.33
CA ARG A 45 1.19 1.60 -15.69
C ARG A 45 0.58 2.92 -16.13
N TYR A 46 0.88 4.02 -15.44
CA TYR A 46 0.23 5.35 -15.65
C TYR A 46 1.35 6.38 -15.85
N ARG A 47 1.25 7.17 -16.93
CA ARG A 47 2.27 8.18 -17.29
C ARG A 47 2.42 9.26 -16.19
N ASP A 48 1.36 9.52 -15.43
CA ASP A 48 1.32 10.59 -14.41
C ASP A 48 1.58 10.07 -12.97
N VAL A 49 1.97 8.80 -12.79
CA VAL A 49 2.24 8.24 -11.42
C VAL A 49 3.62 7.64 -11.46
N SER A 50 4.60 8.29 -10.83
CA SER A 50 5.99 7.88 -10.84
C SER A 50 6.58 7.98 -9.43
N PRO A 51 7.55 7.13 -9.10
CA PRO A 51 8.32 7.20 -7.83
C PRO A 51 9.33 8.39 -7.94
N PHE A 52 9.47 9.17 -6.88
CA PHE A 52 10.60 10.13 -6.77
C PHE A 52 11.91 9.39 -6.82
N ASP A 53 12.97 9.99 -7.42
CA ASP A 53 14.32 9.42 -7.38
C ASP A 53 14.80 9.17 -5.93
N HIS A 54 14.59 10.10 -4.98
CA HIS A 54 15.29 10.02 -3.69
C HIS A 54 14.78 8.83 -2.85
N SER A 55 13.55 8.35 -3.14
CA SER A 55 12.85 7.35 -2.28
C SER A 55 12.52 6.08 -3.09
N ARG A 56 12.89 6.00 -4.35
CA ARG A 56 12.50 4.81 -5.19
C ARG A 56 13.19 3.54 -4.68
N ILE A 57 12.51 2.35 -4.78
CA ILE A 57 13.23 1.09 -4.52
C ILE A 57 14.09 0.69 -5.74
N LYS A 58 15.37 0.40 -5.52
CA LYS A 58 16.27 -0.16 -6.53
C LYS A 58 16.28 -1.70 -6.53
N LEU A 59 16.09 -2.28 -7.71
CA LEU A 59 16.33 -3.73 -7.92
C LEU A 59 17.85 -3.97 -7.87
N HIS A 60 18.29 -5.09 -7.29
CA HIS A 60 19.75 -5.47 -7.17
C HIS A 60 20.15 -6.14 -8.49
N GLN A 61 20.30 -5.38 -9.57
CA GLN A 61 20.86 -5.90 -10.84
C GLN A 61 21.46 -4.75 -11.64
N GLU A 62 22.48 -5.04 -12.44
CA GLU A 62 23.32 -4.03 -13.13
C GLU A 62 22.61 -3.57 -14.41
N ASP A 63 21.87 -4.49 -15.03
CA ASP A 63 21.12 -4.26 -16.30
C ASP A 63 20.21 -3.03 -16.13
N ASN A 64 19.11 -3.16 -15.38
CA ASN A 64 18.15 -2.05 -15.18
C ASN A 64 17.57 -2.19 -13.79
N ASP A 65 17.80 -1.22 -12.91
CA ASP A 65 17.41 -1.32 -11.47
C ASP A 65 16.02 -0.73 -11.23
N TYR A 66 15.26 -0.43 -12.26
CA TYR A 66 14.02 0.38 -12.09
C TYR A 66 12.77 -0.51 -11.81
N ILE A 67 11.98 -0.10 -10.81
CA ILE A 67 10.58 -0.55 -10.56
C ILE A 67 9.77 0.65 -10.07
N ASN A 68 8.53 0.75 -10.45
CA ASN A 68 7.57 1.75 -9.97
C ASN A 68 7.15 1.42 -8.50
N ALA A 69 7.95 1.84 -7.52
CA ALA A 69 7.80 1.52 -6.08
C ALA A 69 8.61 2.53 -5.23
N SER A 70 8.06 2.90 -4.08
CA SER A 70 8.62 3.95 -3.19
C SER A 70 8.70 3.43 -1.75
N LEU A 71 9.77 3.82 -1.02
CA LEU A 71 9.91 3.54 0.43
C LEU A 71 9.35 4.69 1.24
N ILE A 72 8.24 4.50 1.95
CA ILE A 72 7.63 5.50 2.84
C ILE A 72 8.21 5.22 4.24
N LYS A 73 9.11 6.08 4.81
CA LYS A 73 9.72 5.82 6.13
C LYS A 73 9.20 6.79 7.20
N MET A 74 8.33 6.34 8.13
CA MET A 74 7.67 7.24 9.12
C MET A 74 8.48 7.22 10.43
N GLU A 75 9.26 8.28 10.67
CA GLU A 75 10.32 8.34 11.73
C GLU A 75 9.68 8.28 13.11
N GLU A 76 8.70 9.11 13.43
CA GLU A 76 8.11 9.11 14.79
C GLU A 76 7.32 7.83 15.05
N ALA A 77 6.55 7.35 14.04
CA ALA A 77 5.75 6.13 14.25
C ALA A 77 6.62 4.86 14.22
N GLN A 78 7.86 4.89 13.67
CA GLN A 78 8.77 3.74 13.59
C GLN A 78 8.11 2.65 12.75
N ARG A 79 7.54 3.05 11.62
CA ARG A 79 6.96 2.09 10.62
C ARG A 79 7.51 2.45 9.24
N SER A 80 7.74 1.46 8.40
CA SER A 80 8.10 1.70 6.97
C SER A 80 7.17 0.88 6.06
N TYR A 81 6.86 1.40 4.88
CA TYR A 81 5.97 0.72 3.90
C TYR A 81 6.60 0.85 2.54
N ILE A 82 6.45 -0.16 1.68
CA ILE A 82 6.79 0.03 0.24
C ILE A 82 5.44 0.17 -0.47
N LEU A 83 5.18 1.27 -1.18
CA LEU A 83 3.94 1.43 -1.98
C LEU A 83 4.31 1.28 -3.46
N THR A 84 3.59 0.42 -4.21
CA THR A 84 3.91 0.08 -5.59
C THR A 84 2.60 -0.03 -6.42
N GLN A 85 2.72 0.07 -7.74
CA GLN A 85 1.59 -0.12 -8.70
C GLN A 85 1.25 -1.64 -8.70
N GLY A 86 0.06 -1.96 -9.17
CA GLY A 86 -0.23 -3.36 -9.53
C GLY A 86 0.73 -3.81 -10.63
N PRO A 87 1.38 -4.97 -10.49
CA PRO A 87 2.32 -5.46 -11.46
C PRO A 87 1.72 -5.61 -12.88
N LEU A 88 2.56 -5.29 -13.88
CA LEU A 88 2.23 -5.40 -15.33
C LEU A 88 2.73 -6.75 -15.82
N PRO A 89 2.23 -7.20 -17.03
CA PRO A 89 2.74 -8.44 -17.59
C PRO A 89 4.26 -8.50 -17.64
N ASN A 90 4.94 -7.39 -17.99
CA ASN A 90 6.42 -7.51 -18.06
C ASN A 90 7.14 -7.14 -16.74
N THR A 91 6.44 -6.84 -15.65
CA THR A 91 7.10 -6.57 -14.34
C THR A 91 6.68 -7.52 -13.21
N VAL A 92 6.05 -8.68 -13.49
CA VAL A 92 5.75 -9.61 -12.37
C VAL A 92 7.04 -10.19 -11.80
N GLY A 93 8.09 -10.48 -12.59
CA GLY A 93 9.36 -11.01 -12.09
C GLY A 93 10.09 -9.96 -11.26
N HIS A 94 10.06 -8.69 -11.72
CA HIS A 94 10.64 -7.58 -10.90
C HIS A 94 9.95 -7.48 -9.53
N PHE A 95 8.61 -7.52 -9.49
CA PHE A 95 7.79 -7.42 -8.28
C PHE A 95 8.31 -8.43 -7.24
N TRP A 96 8.41 -9.74 -7.62
CA TRP A 96 8.84 -10.76 -6.66
C TRP A 96 10.35 -10.64 -6.31
N GLU A 97 11.19 -10.15 -7.22
CA GLU A 97 12.60 -9.82 -6.95
C GLU A 97 12.66 -8.79 -5.80
N MET A 98 11.82 -7.74 -5.87
CA MET A 98 11.74 -6.70 -4.84
C MET A 98 11.32 -7.30 -3.49
N VAL A 99 10.26 -8.13 -3.46
CA VAL A 99 9.82 -8.75 -2.17
C VAL A 99 11.00 -9.55 -1.56
N TRP A 100 11.70 -10.31 -2.39
CA TRP A 100 12.88 -11.15 -1.99
C TRP A 100 13.97 -10.21 -1.42
N GLU A 101 14.36 -9.22 -2.20
CA GLU A 101 15.56 -8.40 -1.87
C GLU A 101 15.32 -7.53 -0.63
N GLN A 102 14.08 -7.02 -0.43
CA GLN A 102 13.71 -6.15 0.69
C GLN A 102 13.33 -6.91 1.97
N LYS A 103 13.27 -8.27 1.92
CA LYS A 103 12.97 -9.17 3.06
C LYS A 103 11.59 -8.97 3.63
N SER A 104 10.63 -8.61 2.76
CA SER A 104 9.24 -8.41 3.15
C SER A 104 8.63 -9.75 3.58
N ARG A 105 7.68 -9.72 4.53
CA ARG A 105 6.94 -10.92 5.02
C ARG A 105 5.46 -10.86 4.58
N GLY A 106 4.99 -9.70 4.10
CA GLY A 106 3.59 -9.53 3.72
C GLY A 106 3.45 -8.75 2.43
N VAL A 107 2.44 -9.10 1.63
CA VAL A 107 1.99 -8.27 0.44
C VAL A 107 0.53 -7.96 0.72
N VAL A 108 0.14 -6.71 0.65
CA VAL A 108 -1.25 -6.19 0.84
C VAL A 108 -1.79 -5.69 -0.51
N MET A 109 -2.84 -6.38 -1.02
CA MET A 109 -3.49 -6.12 -2.33
C MET A 109 -4.87 -5.51 -2.09
N LEU A 110 -5.18 -4.29 -2.57
CA LEU A 110 -6.46 -3.61 -2.27
C LEU A 110 -7.39 -3.50 -3.51
N ASN A 111 -7.08 -4.20 -4.56
CA ASN A 111 -7.87 -4.18 -5.83
C ASN A 111 -8.22 -5.60 -6.25
N ARG A 112 -9.18 -5.71 -7.19
CA ARG A 112 -9.41 -6.96 -7.94
C ARG A 112 -8.62 -6.89 -9.24
N VAL A 113 -8.24 -8.05 -9.81
CA VAL A 113 -7.52 -8.16 -11.07
C VAL A 113 -8.34 -7.49 -12.19
N MET A 114 -9.65 -7.72 -12.23
CA MET A 114 -10.55 -6.97 -13.16
C MET A 114 -11.49 -6.07 -12.35
N GLU A 115 -11.57 -4.78 -12.71
CA GLU A 115 -12.59 -3.86 -12.12
C GLU A 115 -13.12 -2.99 -13.28
N LYS A 116 -14.39 -2.62 -13.24
CA LYS A 116 -14.98 -1.74 -14.29
C LYS A 116 -14.79 -2.37 -15.70
N GLY A 117 -14.73 -3.71 -15.77
CA GLY A 117 -14.55 -4.44 -17.06
C GLY A 117 -13.17 -4.31 -17.69
N SER A 118 -12.12 -3.85 -16.97
CA SER A 118 -10.75 -3.67 -17.52
C SER A 118 -9.72 -4.29 -16.57
N LEU A 119 -8.56 -4.64 -17.07
CA LEU A 119 -7.56 -5.29 -16.22
C LEU A 119 -6.83 -4.19 -15.38
N LYS A 120 -6.81 -4.35 -14.08
CA LYS A 120 -6.14 -3.39 -13.16
C LYS A 120 -4.79 -3.89 -12.67
N CYS A 121 -4.46 -5.17 -12.83
CA CYS A 121 -3.13 -5.73 -12.57
C CYS A 121 -3.04 -7.17 -13.06
N ALA A 122 -1.83 -7.62 -13.30
CA ALA A 122 -1.56 -8.99 -13.79
C ALA A 122 -2.01 -10.02 -12.73
N GLN A 123 -2.34 -11.25 -13.18
CA GLN A 123 -2.53 -12.39 -12.26
C GLN A 123 -1.15 -12.89 -11.83
N TYR A 124 -0.58 -12.35 -10.74
CA TYR A 124 0.85 -12.45 -10.43
C TYR A 124 1.15 -13.50 -9.36
N TRP A 125 0.11 -14.25 -8.91
CA TRP A 125 0.29 -15.36 -7.92
C TRP A 125 -0.48 -16.56 -8.43
N PRO A 126 -0.06 -17.79 -8.02
CA PRO A 126 -0.74 -19.04 -8.46
C PRO A 126 -2.06 -19.30 -7.75
N GLN A 127 -3.03 -19.83 -8.53
CA GLN A 127 -4.43 -20.01 -8.06
C GLN A 127 -4.65 -21.48 -7.59
N LYS A 128 -3.77 -22.38 -7.98
CA LYS A 128 -3.84 -23.83 -7.60
C LYS A 128 -2.52 -24.28 -7.03
N GLU A 129 -2.57 -25.08 -5.95
CA GLU A 129 -1.38 -25.66 -5.30
C GLU A 129 -0.46 -26.32 -6.34
N GLU A 130 -1.02 -27.19 -7.22
CA GLU A 130 -0.20 -28.04 -8.09
C GLU A 130 0.25 -27.32 -9.37
N LYS A 131 -0.09 -26.03 -9.53
CA LYS A 131 0.37 -25.24 -10.70
C LYS A 131 1.21 -24.02 -10.23
N GLU A 132 2.46 -24.25 -9.93
CA GLU A 132 3.34 -23.19 -9.41
C GLU A 132 3.74 -22.28 -10.57
N MET A 133 4.33 -21.11 -10.24
CA MET A 133 4.78 -20.12 -11.24
C MET A 133 6.30 -20.03 -11.16
N ILE A 134 6.96 -19.98 -12.31
CA ILE A 134 8.41 -19.71 -12.42
C ILE A 134 8.58 -18.38 -13.20
N PHE A 135 9.39 -17.47 -12.66
CA PHE A 135 9.75 -16.15 -13.24
C PHE A 135 11.18 -16.29 -13.75
N GLU A 136 11.34 -16.56 -15.05
CA GLU A 136 12.66 -16.96 -15.59
C GLU A 136 13.58 -15.74 -15.60
N ASP A 137 13.05 -14.54 -15.84
CA ASP A 137 13.87 -13.31 -15.93
C ASP A 137 14.57 -13.05 -14.56
N THR A 138 13.96 -13.35 -13.40
CA THR A 138 14.57 -13.09 -12.06
C THR A 138 14.95 -14.37 -11.27
N ASN A 139 14.73 -15.56 -11.83
CA ASN A 139 15.12 -16.86 -11.21
C ASN A 139 14.39 -17.12 -9.89
N LEU A 140 13.06 -16.96 -9.86
CA LEU A 140 12.24 -17.21 -8.66
C LEU A 140 11.13 -18.22 -9.00
N LYS A 141 10.74 -19.00 -7.99
CA LYS A 141 9.59 -19.91 -8.04
C LYS A 141 8.63 -19.55 -6.92
N LEU A 142 7.34 -19.58 -7.23
CA LEU A 142 6.27 -19.15 -6.30
C LEU A 142 5.20 -20.25 -6.30
N THR A 143 4.87 -20.76 -5.13
CA THR A 143 3.88 -21.86 -4.92
C THR A 143 2.80 -21.45 -3.96
N LEU A 144 1.53 -21.73 -4.29
CA LEU A 144 0.40 -21.54 -3.38
C LEU A 144 0.41 -22.66 -2.33
N ILE A 145 0.49 -22.31 -1.05
CA ILE A 145 0.53 -23.30 0.09
C ILE A 145 -0.87 -23.51 0.65
N SER A 146 -1.66 -22.46 0.88
CA SER A 146 -3.02 -22.50 1.44
C SER A 146 -3.70 -21.18 1.15
N GLU A 147 -5.02 -21.19 1.24
CA GLU A 147 -5.92 -20.04 0.93
C GLU A 147 -7.05 -20.07 1.96
N ASP A 148 -7.36 -18.95 2.61
CA ASP A 148 -8.52 -18.79 3.54
C ASP A 148 -9.42 -17.68 3.00
N ILE A 149 -10.59 -18.02 2.41
CA ILE A 149 -11.51 -17.03 1.78
C ILE A 149 -12.58 -16.63 2.79
N LYS A 150 -12.65 -15.34 3.13
CA LYS A 150 -13.66 -14.76 4.06
C LYS A 150 -14.53 -13.83 3.26
N SER A 151 -15.55 -13.26 3.88
CA SER A 151 -16.56 -12.43 3.17
C SER A 151 -15.92 -11.17 2.62
N TYR A 152 -14.92 -10.57 3.29
CA TYR A 152 -14.44 -9.23 2.89
C TYR A 152 -12.98 -9.27 2.40
N TYR A 153 -12.28 -10.35 2.65
CA TYR A 153 -10.85 -10.52 2.33
C TYR A 153 -10.50 -12.00 2.26
N THR A 154 -9.40 -12.28 1.57
CA THR A 154 -8.76 -13.60 1.43
C THR A 154 -7.31 -13.51 1.93
N VAL A 155 -6.86 -14.45 2.74
CA VAL A 155 -5.43 -14.57 3.11
C VAL A 155 -4.85 -15.84 2.49
N ARG A 156 -3.72 -15.68 1.86
CA ARG A 156 -2.96 -16.78 1.23
C ARG A 156 -1.57 -16.96 1.82
N GLN A 157 -1.12 -18.22 1.93
CA GLN A 157 0.29 -18.61 2.23
C GLN A 157 1.03 -18.96 0.94
N LEU A 158 2.12 -18.24 0.62
CA LEU A 158 2.95 -18.49 -0.59
C LEU A 158 4.36 -18.89 -0.18
N GLU A 159 4.98 -19.84 -0.91
CA GLU A 159 6.42 -20.14 -0.77
C GLU A 159 7.17 -19.46 -1.92
N LEU A 160 8.09 -18.56 -1.58
CA LEU A 160 8.98 -17.97 -2.59
C LEU A 160 10.36 -18.63 -2.46
N GLU A 161 10.85 -19.19 -3.56
CA GLU A 161 12.17 -19.83 -3.65
C GLU A 161 13.07 -19.03 -4.57
N ASN A 162 14.23 -18.66 -4.03
CA ASN A 162 15.35 -18.10 -4.84
C ASN A 162 16.05 -19.28 -5.53
N LEU A 163 15.81 -19.48 -6.84
CA LEU A 163 16.28 -20.72 -7.52
C LEU A 163 17.82 -20.74 -7.57
N THR A 164 18.46 -19.57 -7.42
CA THR A 164 19.94 -19.40 -7.47
C THR A 164 20.59 -20.06 -6.25
N THR A 165 20.00 -19.93 -5.05
CA THR A 165 20.56 -20.40 -3.75
C THR A 165 19.73 -21.52 -3.10
N GLN A 166 18.53 -21.79 -3.61
CA GLN A 166 17.57 -22.80 -3.09
C GLN A 166 17.11 -22.39 -1.69
N GLU A 167 17.27 -21.13 -1.29
CA GLU A 167 16.61 -20.62 -0.07
C GLU A 167 15.11 -20.44 -0.34
N THR A 168 14.28 -20.64 0.69
CA THR A 168 12.80 -20.46 0.64
C THR A 168 12.35 -19.56 1.79
N ARG A 169 11.19 -18.88 1.62
CA ARG A 169 10.49 -18.05 2.65
C ARG A 169 8.97 -18.18 2.57
N GLU A 170 8.28 -17.95 3.70
CA GLU A 170 6.80 -17.88 3.81
C GLU A 170 6.33 -16.42 3.65
N ILE A 171 5.60 -16.13 2.58
CA ILE A 171 5.01 -14.78 2.28
C ILE A 171 3.49 -14.82 2.52
N LEU A 172 2.95 -13.89 3.28
CA LEU A 172 1.49 -13.76 3.57
C LEU A 172 0.84 -12.74 2.62
N HIS A 173 -0.06 -13.23 1.77
CA HIS A 173 -0.81 -12.39 0.78
C HIS A 173 -2.13 -11.99 1.39
N PHE A 174 -2.31 -10.72 1.72
CA PHE A 174 -3.54 -10.17 2.30
C PHE A 174 -4.30 -9.44 1.22
N HIS A 175 -5.46 -9.99 0.80
CA HIS A 175 -6.21 -9.54 -0.38
C HIS A 175 -7.56 -8.98 0.04
N TYR A 176 -7.72 -7.67 0.11
CA TYR A 176 -9.01 -7.00 0.39
C TYR A 176 -9.81 -6.99 -0.90
N THR A 177 -10.91 -7.76 -0.94
CA THR A 177 -11.62 -8.11 -2.20
C THR A 177 -12.92 -7.31 -2.42
N THR A 178 -13.35 -6.46 -1.50
CA THR A 178 -14.69 -5.81 -1.52
C THR A 178 -14.67 -4.29 -1.62
N TRP A 179 -13.54 -3.63 -1.96
CA TRP A 179 -13.59 -2.17 -2.20
C TRP A 179 -14.48 -1.97 -3.43
N PRO A 180 -15.49 -1.08 -3.40
CA PRO A 180 -16.39 -0.93 -4.55
C PRO A 180 -15.73 -0.36 -5.82
N ASP A 181 -16.22 -0.78 -7.01
CA ASP A 181 -15.64 -0.27 -8.29
C ASP A 181 -15.67 1.27 -8.32
N PHE A 182 -16.72 1.93 -7.79
CA PHE A 182 -16.86 3.41 -7.70
C PHE A 182 -16.97 3.88 -6.22
N GLY A 183 -16.37 5.02 -5.92
CA GLY A 183 -16.43 5.59 -4.57
C GLY A 183 -15.60 4.83 -3.51
N VAL A 184 -16.04 4.92 -2.25
CA VAL A 184 -15.34 4.36 -1.04
C VAL A 184 -16.37 3.56 -0.26
N PRO A 185 -15.96 2.63 0.64
CA PRO A 185 -16.94 1.90 1.47
C PRO A 185 -17.79 2.84 2.36
N GLU A 186 -19.07 2.49 2.55
CA GLU A 186 -20.00 3.27 3.40
C GLU A 186 -19.52 3.29 4.86
N SER A 187 -19.04 2.16 5.34
CA SER A 187 -18.50 1.99 6.72
C SER A 187 -17.06 1.55 6.68
N PRO A 188 -16.18 2.03 7.60
CA PRO A 188 -14.78 1.59 7.59
C PRO A 188 -14.58 0.32 8.40
N ALA A 189 -15.67 -0.29 8.92
CA ALA A 189 -15.55 -1.48 9.78
C ALA A 189 -14.77 -2.60 9.11
N SER A 190 -15.07 -3.00 7.86
CA SER A 190 -14.37 -4.16 7.29
C SER A 190 -12.92 -3.79 6.93
N PHE A 191 -12.63 -2.56 6.52
CA PHE A 191 -11.23 -2.12 6.20
C PHE A 191 -10.37 -2.16 7.48
N LEU A 192 -10.90 -1.68 8.60
CA LEU A 192 -10.20 -1.69 9.94
C LEU A 192 -10.00 -3.15 10.40
N ASN A 193 -11.02 -4.01 10.32
CA ASN A 193 -10.85 -5.46 10.61
C ASN A 193 -9.67 -6.02 9.81
N PHE A 194 -9.60 -5.69 8.51
CA PHE A 194 -8.52 -6.17 7.61
C PHE A 194 -7.14 -5.65 8.09
N LEU A 195 -7.06 -4.34 8.37
CA LEU A 195 -5.78 -3.71 8.87
C LEU A 195 -5.29 -4.47 10.12
N PHE A 196 -6.22 -4.77 11.03
CA PHE A 196 -5.89 -5.48 12.30
C PHE A 196 -5.41 -6.91 12.01
N LYS A 197 -5.92 -7.59 10.98
CA LYS A 197 -5.43 -8.93 10.57
C LYS A 197 -4.01 -8.85 10.01
N VAL A 198 -3.71 -7.81 9.18
CA VAL A 198 -2.33 -7.65 8.71
C VAL A 198 -1.40 -7.43 9.94
N ARG A 199 -1.81 -6.57 10.85
CA ARG A 199 -0.94 -6.26 12.07
C ARG A 199 -0.66 -7.55 12.85
N GLU A 200 -1.73 -8.31 13.10
CA GLU A 200 -1.63 -9.54 13.94
C GLU A 200 -0.66 -10.56 13.34
N SER A 201 -0.46 -10.54 12.01
CA SER A 201 0.39 -11.52 11.29
C SER A 201 1.89 -11.27 11.48
N GLY A 202 2.29 -10.10 11.99
CA GLY A 202 3.73 -9.73 12.09
C GLY A 202 4.26 -9.02 10.84
N SER A 203 3.44 -8.89 9.80
CA SER A 203 3.92 -8.35 8.49
C SER A 203 4.36 -6.88 8.59
N LEU A 204 3.86 -6.15 9.60
CA LEU A 204 4.15 -4.68 9.73
C LEU A 204 5.26 -4.44 10.76
N SER A 205 5.82 -5.50 11.29
CA SER A 205 6.70 -5.40 12.48
C SER A 205 8.17 -5.24 12.09
N PRO A 206 8.98 -4.61 12.98
CA PRO A 206 10.37 -4.29 12.62
C PRO A 206 11.33 -5.46 12.47
N GLU A 207 10.93 -6.68 12.86
CA GLU A 207 11.80 -7.85 12.63
C GLU A 207 11.79 -8.25 11.14
N HIS A 208 10.89 -7.72 10.34
CA HIS A 208 10.81 -8.01 8.88
C HIS A 208 11.17 -6.75 8.05
N GLY A 209 11.49 -6.95 6.77
CA GLY A 209 11.52 -5.87 5.78
C GLY A 209 10.14 -5.20 5.68
N PRO A 210 10.04 -4.02 5.01
CA PRO A 210 8.75 -3.34 4.92
C PRO A 210 7.68 -4.16 4.16
N VAL A 211 6.45 -4.08 4.65
CA VAL A 211 5.27 -4.61 3.89
C VAL A 211 5.26 -4.00 2.48
N VAL A 212 4.88 -4.80 1.47
CA VAL A 212 4.62 -4.25 0.10
C VAL A 212 3.13 -4.00 -0.02
N VAL A 213 2.66 -2.78 -0.32
CA VAL A 213 1.22 -2.42 -0.38
C VAL A 213 0.93 -1.97 -1.83
N HIS A 214 -0.12 -2.48 -2.50
CA HIS A 214 -0.48 -2.02 -3.87
C HIS A 214 -2.01 -1.99 -4.10
N CYS A 215 -2.38 -1.18 -5.08
CA CYS A 215 -3.72 -1.16 -5.69
C CYS A 215 -3.50 -1.19 -7.20
N SER A 216 -4.21 -0.38 -8.00
CA SER A 216 -3.80 -0.27 -9.43
C SER A 216 -2.62 0.71 -9.63
N ALA A 217 -2.75 1.96 -9.17
CA ALA A 217 -1.64 2.96 -9.29
C ALA A 217 -0.71 2.97 -8.06
N GLY A 218 -1.14 2.40 -6.94
CA GLY A 218 -0.36 2.42 -5.69
C GLY A 218 -0.32 3.78 -5.00
N ILE A 219 -1.35 4.59 -5.13
CA ILE A 219 -1.44 5.92 -4.41
C ILE A 219 -2.75 6.13 -3.71
N GLY A 220 -3.89 5.61 -4.21
CA GLY A 220 -5.21 5.96 -3.66
C GLY A 220 -5.63 5.06 -2.49
N ARG A 221 -6.19 3.88 -2.78
CA ARG A 221 -6.47 2.90 -1.69
C ARG A 221 -5.20 2.61 -0.86
N SER A 222 -4.05 2.46 -1.53
CA SER A 222 -2.74 2.15 -0.89
C SER A 222 -2.41 3.28 0.10
N GLY A 223 -2.63 4.54 -0.31
CA GLY A 223 -2.44 5.71 0.57
C GLY A 223 -3.33 5.67 1.80
N THR A 224 -4.57 5.24 1.64
CA THR A 224 -5.56 5.15 2.74
C THR A 224 -5.09 4.14 3.79
N PHE A 225 -4.59 2.98 3.35
CA PHE A 225 -4.12 1.91 4.25
C PHE A 225 -2.94 2.41 5.11
N CYS A 226 -1.89 3.01 4.52
CA CYS A 226 -0.71 3.42 5.34
C CYS A 226 -1.06 4.64 6.21
N LEU A 227 -1.85 5.58 5.71
CA LEU A 227 -2.27 6.79 6.48
C LEU A 227 -3.06 6.35 7.73
N ALA A 228 -4.01 5.42 7.58
CA ALA A 228 -4.81 4.98 8.74
C ALA A 228 -3.91 4.27 9.75
N ASP A 229 -3.08 3.34 9.31
CA ASP A 229 -2.16 2.56 10.20
C ASP A 229 -1.23 3.53 10.98
N THR A 230 -0.56 4.46 10.31
CA THR A 230 0.41 5.37 11.01
C THR A 230 -0.35 6.28 11.98
N CYS A 231 -1.50 6.85 11.61
CA CYS A 231 -2.24 7.77 12.54
C CYS A 231 -2.65 7.02 13.83
N LEU A 232 -3.19 5.80 13.71
CA LEU A 232 -3.58 4.98 14.89
C LEU A 232 -2.35 4.64 15.75
N LEU A 233 -1.20 4.31 15.17
CA LEU A 233 0.04 4.02 15.94
C LEU A 233 0.47 5.27 16.70
N LEU A 234 0.44 6.46 16.06
CA LEU A 234 0.81 7.73 16.76
C LEU A 234 -0.13 8.04 17.93
N MET A 235 -1.44 7.77 17.80
CA MET A 235 -2.44 8.00 18.88
C MET A 235 -2.07 7.13 20.09
N ASP A 236 -1.59 5.92 19.84
CA ASP A 236 -1.15 4.96 20.92
C ASP A 236 0.14 5.42 21.63
N LYS A 237 1.07 6.05 20.91
CA LYS A 237 2.41 6.35 21.39
C LYS A 237 2.42 7.67 22.19
N ARG A 238 1.62 8.66 21.82
CA ARG A 238 1.76 10.07 22.34
C ARG A 238 1.01 10.24 23.67
N LYS A 239 1.46 11.18 24.51
CA LYS A 239 0.65 11.55 25.71
C LYS A 239 -0.73 12.15 25.38
N ASP A 240 -0.84 12.91 24.29
CA ASP A 240 -2.14 13.52 23.88
C ASP A 240 -2.54 12.96 22.52
N PRO A 241 -3.44 11.96 22.46
CA PRO A 241 -3.95 11.43 21.20
C PRO A 241 -4.64 12.46 20.31
N SER A 242 -5.13 13.56 20.88
CA SER A 242 -5.84 14.66 20.16
C SER A 242 -4.87 15.52 19.35
N SER A 243 -3.55 15.43 19.61
CA SER A 243 -2.51 16.17 18.87
C SER A 243 -2.23 15.56 17.48
N VAL A 244 -2.74 14.36 17.16
CA VAL A 244 -2.40 13.74 15.84
C VAL A 244 -3.17 14.47 14.74
N ASP A 245 -2.45 15.04 13.77
CA ASP A 245 -3.06 15.87 12.70
C ASP A 245 -2.98 15.06 11.39
N ILE A 246 -4.10 14.51 10.95
CA ILE A 246 -4.11 13.57 9.78
C ILE A 246 -3.62 14.31 8.52
N LYS A 247 -3.92 15.59 8.33
CA LYS A 247 -3.46 16.36 7.15
C LYS A 247 -1.94 16.49 7.20
N LYS A 248 -1.36 16.76 8.38
CA LYS A 248 0.13 16.85 8.49
C LYS A 248 0.80 15.47 8.30
N VAL A 249 0.21 14.39 8.76
CA VAL A 249 0.80 13.04 8.49
C VAL A 249 0.78 12.76 6.97
N LEU A 250 -0.32 13.04 6.31
CA LEU A 250 -0.48 12.80 4.84
C LEU A 250 0.57 13.64 4.09
N LEU A 251 0.76 14.91 4.45
CA LEU A 251 1.82 15.68 3.75
C LEU A 251 3.24 15.14 4.02
N GLU A 252 3.53 14.59 5.22
CA GLU A 252 4.80 13.92 5.49
C GLU A 252 4.94 12.70 4.54
N MET A 253 3.90 11.90 4.44
CA MET A 253 3.95 10.70 3.55
C MET A 253 4.15 11.10 2.06
N ARG A 254 3.55 12.20 1.62
CA ARG A 254 3.71 12.76 0.25
C ARG A 254 5.13 13.26 -0.03
N LYS A 255 5.99 13.44 0.99
CA LYS A 255 7.43 13.64 0.72
C LYS A 255 8.03 12.42 0.01
N PHE A 256 7.44 11.18 0.20
CA PHE A 256 8.08 9.93 -0.28
C PHE A 256 7.41 9.31 -1.54
N ARG A 257 6.14 9.59 -1.77
CA ARG A 257 5.43 9.20 -3.04
C ARG A 257 4.33 10.22 -3.36
N MET A 258 4.27 10.65 -4.63
CA MET A 258 3.27 11.61 -5.11
C MET A 258 1.85 11.07 -5.02
N GLY A 259 0.86 11.94 -4.80
CA GLY A 259 -0.56 11.68 -5.10
C GLY A 259 -1.31 10.84 -4.08
N LEU A 260 -0.68 10.51 -2.95
CA LEU A 260 -1.35 9.64 -1.94
C LEU A 260 -2.68 10.25 -1.52
N ILE A 261 -3.78 9.49 -1.61
CA ILE A 261 -5.20 9.89 -1.46
C ILE A 261 -5.55 10.65 -2.74
N GLN A 262 -6.37 10.03 -3.58
CA GLN A 262 -6.64 10.49 -4.99
C GLN A 262 -7.92 11.35 -5.10
N THR A 263 -8.78 11.35 -4.09
CA THR A 263 -10.09 12.07 -4.13
C THR A 263 -10.44 12.64 -2.76
N ALA A 264 -11.35 13.62 -2.71
CA ALA A 264 -11.89 14.17 -1.44
C ALA A 264 -12.63 13.08 -0.66
N ASP A 265 -13.26 12.14 -1.37
CA ASP A 265 -14.03 11.02 -0.74
C ASP A 265 -13.05 10.06 -0.05
N GLN A 266 -11.88 9.78 -0.66
CA GLN A 266 -10.83 8.96 0.01
C GLN A 266 -10.30 9.72 1.26
N LEU A 267 -10.17 11.06 1.20
CA LEU A 267 -9.69 11.84 2.39
C LEU A 267 -10.73 11.72 3.52
N ARG A 268 -12.03 11.92 3.22
CA ARG A 268 -13.09 11.75 4.25
C ARG A 268 -13.09 10.33 4.81
N PHE A 269 -12.95 9.32 3.95
CA PHE A 269 -12.96 7.91 4.38
C PHE A 269 -11.78 7.65 5.36
N SER A 270 -10.61 8.23 5.10
CA SER A 270 -9.39 8.08 5.96
C SER A 270 -9.70 8.69 7.34
N TYR A 271 -10.30 9.88 7.40
CA TYR A 271 -10.73 10.48 8.69
C TYR A 271 -11.68 9.53 9.42
N LEU A 272 -12.70 9.02 8.71
CA LEU A 272 -13.70 8.11 9.34
C LEU A 272 -12.99 6.89 9.91
N ALA A 273 -12.10 6.25 9.15
CA ALA A 273 -11.38 5.05 9.60
C ALA A 273 -10.57 5.31 10.89
N VAL A 274 -9.86 6.42 10.97
CA VAL A 274 -9.01 6.74 12.14
C VAL A 274 -9.91 7.03 13.37
N ILE A 275 -10.99 7.77 13.16
CA ILE A 275 -11.92 8.13 14.28
C ILE A 275 -12.54 6.84 14.84
N GLU A 276 -13.05 5.95 13.99
CA GLU A 276 -13.68 4.69 14.45
C GLU A 276 -12.60 3.74 14.99
N GLY A 277 -11.42 3.69 14.39
CA GLY A 277 -10.38 2.77 14.90
C GLY A 277 -9.87 3.19 16.29
N ALA A 278 -9.81 4.47 16.58
CA ALA A 278 -9.32 5.02 17.87
C ALA A 278 -10.19 4.50 19.04
N LYS A 279 -11.47 4.20 18.81
CA LYS A 279 -12.36 3.67 19.87
C LYS A 279 -11.98 2.22 20.26
N PHE A 280 -10.98 1.59 19.60
CA PHE A 280 -10.24 0.40 20.12
C PHE A 280 -8.95 0.83 20.81
N ILE A 281 -8.07 1.55 20.10
CA ILE A 281 -6.74 2.04 20.58
C ILE A 281 -6.84 2.63 22.00
N MET A 282 -7.92 3.37 22.32
CA MET A 282 -8.07 4.08 23.62
C MET A 282 -8.81 3.21 24.66
N GLY A 283 -8.90 1.89 24.43
CA GLY A 283 -9.02 0.89 25.51
C GLY A 283 -10.28 0.03 25.47
N ASP A 284 -10.98 -0.02 24.33
CA ASP A 284 -12.30 -0.67 24.28
C ASP A 284 -12.15 -2.10 23.73
C TRS B . 16.67 9.66 1.71
C1 TRS B . 15.38 10.22 1.11
C2 TRS B . 17.06 10.24 3.08
C3 TRS B . 17.81 9.99 0.84
N TRS B . 16.67 8.14 1.69
O1 TRS B . 14.33 9.24 1.13
O2 TRS B . 15.92 10.44 3.90
O3 TRS B . 17.66 9.68 -0.62
H11 TRS B . 15.55 10.48 0.17
H12 TRS B . 15.10 11.01 1.60
H21 TRS B . 17.52 11.09 2.96
H22 TRS B . 17.67 9.61 3.53
H31 TRS B . 18.60 9.52 1.17
H32 TRS B . 17.98 10.94 0.91
HN1 TRS B . 17.39 7.81 1.23
HN2 TRS B . 15.93 7.82 1.30
HN3 TRS B . 16.71 7.81 2.54
HO1 TRS B . 13.56 9.50 0.79
HO2 TRS B . 15.75 10.66 4.52
HO3 TRS B . 17.20 8.97 -0.72
C10 A1ABK C . 3.66 -24.31 5.51
C17 A1ABK C . 6.80 -23.00 7.29
C20 A1ABK C . 6.87 -25.35 6.83
C01 A1ABK C . 9.39 -21.43 3.57
C02 A1ABK C . 8.05 -21.85 2.96
C03 A1ABK C . 7.28 -22.88 3.79
C04 A1ABK C . 6.30 -23.71 2.87
C06 A1ABK C . 5.27 -24.46 3.74
C07 A1ABK C . 5.09 -25.83 3.64
C08 A1ABK C . 4.18 -26.45 4.49
C09 A1ABK C . 3.45 -25.68 5.45
C11 A1ABK C . 4.57 -23.69 4.66
C16 A1ABK C . 7.16 -21.99 6.20
N15 A1ABK C . 6.47 -22.26 4.93
O05 A1ABK C . 7.03 -24.65 2.12
O13 A1ABK C . 4.51 -21.40 3.58
O14 A1ABK C . 4.37 -21.48 6.00
O18 A1ABK C . 5.95 -22.87 8.14
O19 A1ABK C . 7.53 -24.15 7.20
S12 A1ABK C . 4.82 -22.06 4.80
H101 A1ABK C . 3.10 -23.73 6.25
H201 A1ABK C . 7.37 -26.15 7.41
H202 A1ABK C . 6.94 -25.63 5.77
H203 A1ABK C . 5.81 -25.31 7.12
H012 A1ABK C . 9.52 -20.33 3.55
H013 A1ABK C . 10.26 -21.83 3.00
H011 A1ABK C . 9.56 -21.73 4.60
H021 A1ABK C . 8.23 -22.24 1.95
H022 A1ABK C . 7.42 -20.95 2.79
H031 A1ABK C . 8.03 -23.60 4.21
H041 A1ABK C . 5.75 -22.98 2.20
H071 A1ABK C . 5.63 -26.46 2.93
H081 A1ABK C . 4.01 -27.54 4.43
H091 A1ABK C . 2.73 -26.16 6.12
H162 A1ABK C . 8.25 -21.95 6.07
H161 A1ABK C . 6.87 -20.99 6.64
H051 A1ABK C . 6.66 -25.52 2.31
C10 A1ABK D . -20.08 16.61 2.10
C17 A1ABK D . -18.65 19.24 -2.76
C20 A1ABK D . -17.64 21.24 -3.64
C01 A1ABK D . -16.21 16.43 -3.80
C02 A1ABK D . -17.39 16.10 -2.91
C03 A1ABK D . -17.18 16.36 -1.36
C04 A1ABK D . -17.77 15.07 -0.54
C06 A1ABK D . -18.79 15.28 0.57
C07 A1ABK D . -19.43 14.14 1.07
C08 A1ABK D . -20.39 14.23 2.09
C09 A1ABK D . -20.72 15.49 2.60
C11 A1ABK D . -19.11 16.54 1.07
C16 A1ABK D . -17.49 18.91 -1.79
N15 A1ABK D . -17.71 17.74 -0.89
O05 A1ABK D . -16.70 14.39 0.10
O13 A1ABK D . -19.54 18.90 0.39
O14 A1ABK D . -17.43 18.43 1.47
O18 A1ABK D . -19.80 18.90 -2.63
O19 A1ABK D . -18.24 19.98 -3.84
S12 A1ABK D . -18.46 18.00 0.59
H101 A1ABK D . -20.35 17.59 2.52
H201 A1ABK D . -17.75 21.79 -4.58
H202 A1ABK D . -16.56 21.23 -3.39
H203 A1ABK D . -18.17 21.80 -2.84
H012 A1ABK D . -16.51 17.07 -4.66
H013 A1ABK D . -15.76 15.54 -4.27
H011 A1ABK D . -15.38 16.97 -3.32
H021 A1ABK D . -17.65 15.03 -3.09
H022 A1ABK D . -18.28 16.64 -3.26
H031 A1ABK D . -16.06 16.34 -1.18
H041 A1ABK D . -18.27 14.40 -1.30
H071 A1ABK D . -19.19 13.13 0.69
H081 A1ABK D . -20.87 13.34 2.49
H091 A1ABK D . -21.46 15.57 3.40
H162 A1ABK D . -17.23 19.81 -1.20
H161 A1ABK D . -16.61 18.77 -2.48
H051 A1ABK D . -16.94 14.33 0.91
#